data_6J65
#
_entry.id   6J65
#
_cell.length_a   46.300
_cell.length_b   46.573
_cell.length_c   64.246
_cell.angle_alpha   98.06
_cell.angle_beta   89.82
_cell.angle_gamma   118.25
#
_symmetry.space_group_name_H-M   'P 1'
#
loop_
_entity.id
_entity.type
_entity.pdbx_description
1 polymer 'Histidine triad nucleotide-binding protein 1'
2 non-polymer "BIS(ADENOSINE)-5'-TETRAPHOSPHATE"
3 non-polymer '4-(2-HYDROXYETHYL)-1-PIPERAZINE ETHANESULFONIC ACID'
4 water water
#
_entity_poly.entity_id   1
_entity_poly.type   'polypeptide(L)'
_entity_poly.pdbx_seq_one_letter_code
;SLMADEIAKAQVARPGGDTIFGKIIRKEIPAKIIFEDDRCLAFHDISPQAPTHFLVIPKKHISQISVAEDDDESLLGHLM
IVGKKCAADLGLNKGYRMVVNEGSDGGQSVYHVHLAVLGGRQMHWPPG
;
_entity_poly.pdbx_strand_id   A,B,D,E
#
loop_
_chem_comp.id
_chem_comp.type
_chem_comp.name
_chem_comp.formula
B4P non-polymer BIS(ADENOSINE)-5'-TETRAPHOSPHATE 'C20 H28 N10 O19 P4'
EPE non-polymer '4-(2-HYDROXYETHYL)-1-PIPERAZINE ETHANESULFONIC ACID' 'C8 H18 N2 O4 S'
#
# COMPACT_ATOMS: atom_id res chain seq x y z
N ASP A 18 26.38 -4.05 35.11
CA ASP A 18 26.42 -5.28 34.32
C ASP A 18 25.06 -5.95 34.37
N THR A 19 24.73 -6.71 33.32
CA THR A 19 23.48 -7.44 33.25
C THR A 19 23.75 -8.86 32.79
N ILE A 20 22.68 -9.65 32.75
CA ILE A 20 22.81 -11.02 32.25
C ILE A 20 23.29 -11.04 30.80
N PHE A 21 23.00 -10.00 30.02
CA PHE A 21 23.48 -9.99 28.64
C PHE A 21 24.97 -9.76 28.58
N GLY A 22 25.52 -9.01 29.55
CA GLY A 22 26.97 -8.93 29.65
C GLY A 22 27.62 -10.26 29.95
N LYS A 23 26.99 -11.07 30.82
CA LYS A 23 27.50 -12.40 31.12
C LYS A 23 27.46 -13.27 29.88
N ILE A 24 26.41 -13.15 29.07
CA ILE A 24 26.31 -13.93 27.83
C ILE A 24 27.42 -13.54 26.86
N ILE A 25 27.65 -12.23 26.67
CA ILE A 25 28.73 -11.75 25.80
C ILE A 25 30.07 -12.30 26.24
N ARG A 26 30.32 -12.29 27.55
CA ARG A 26 31.58 -12.77 28.09
C ARG A 26 31.70 -14.28 28.10
N LYS A 27 30.66 -15.00 27.69
CA LYS A 27 30.60 -16.45 27.63
C LYS A 27 30.59 -17.09 29.02
N GLU A 28 30.20 -16.32 30.04
CA GLU A 28 30.16 -16.85 31.39
C GLU A 28 28.94 -17.71 31.61
N ILE A 29 27.83 -17.39 30.94
CA ILE A 29 26.68 -18.30 30.98
C ILE A 29 26.25 -18.61 29.56
N PRO A 30 25.67 -19.78 29.32
CA PRO A 30 25.41 -20.20 27.95
C PRO A 30 24.19 -19.53 27.34
N ALA A 31 24.24 -19.40 26.03
CA ALA A 31 23.06 -19.04 25.26
C ALA A 31 23.18 -19.74 23.91
N LYS A 32 22.08 -19.79 23.16
CA LYS A 32 22.10 -20.45 21.87
C LYS A 32 22.48 -19.39 20.85
N ILE A 33 23.77 -19.30 20.55
CA ILE A 33 24.32 -18.21 19.74
C ILE A 33 24.05 -18.51 18.27
N ILE A 34 23.53 -17.50 17.57
CA ILE A 34 23.25 -17.57 16.15
C ILE A 34 24.38 -16.96 15.33
N PHE A 35 24.92 -15.83 15.79
CA PHE A 35 25.90 -15.06 15.03
C PHE A 35 26.71 -14.21 16.01
N GLU A 36 27.96 -13.96 15.64
CA GLU A 36 28.78 -13.07 16.44
C GLU A 36 29.73 -12.37 15.50
N ASP A 37 30.05 -11.12 15.82
CA ASP A 37 31.18 -10.45 15.17
C ASP A 37 31.95 -9.69 16.25
N ASP A 38 32.74 -8.68 15.84
CA ASP A 38 33.53 -7.94 16.82
C ASP A 38 32.72 -6.97 17.66
N ARG A 39 31.46 -6.69 17.26
CA ARG A 39 30.71 -5.61 17.87
C ARG A 39 29.29 -5.99 18.27
N CYS A 40 28.84 -7.23 18.03
CA CYS A 40 27.48 -7.60 18.40
C CYS A 40 27.38 -9.12 18.52
N LEU A 41 26.27 -9.55 19.11
CA LEU A 41 26.01 -10.96 19.33
C LEU A 41 24.52 -11.19 19.10
N ALA A 42 24.17 -12.25 18.38
CA ALA A 42 22.77 -12.65 18.20
C ALA A 42 22.57 -14.05 18.76
N PHE A 43 21.45 -14.25 19.48
CA PHE A 43 21.21 -15.50 20.17
C PHE A 43 19.72 -15.64 20.40
N HIS A 44 19.26 -16.88 20.52
CA HIS A 44 17.84 -17.13 20.72
C HIS A 44 17.42 -16.68 22.10
N ASP A 45 16.22 -16.10 22.18
CA ASP A 45 15.68 -15.65 23.46
C ASP A 45 15.31 -16.85 24.31
N ILE A 46 15.61 -16.75 25.60
CA ILE A 46 15.32 -17.87 26.50
C ILE A 46 13.84 -18.01 26.76
N SER A 47 13.05 -16.96 26.50
CA SER A 47 11.61 -16.99 26.68
C SER A 47 10.95 -16.66 25.35
N PRO A 48 10.99 -17.58 24.38
CA PRO A 48 10.50 -17.26 23.03
C PRO A 48 8.99 -17.04 23.02
N GLN A 49 8.58 -16.02 22.26
CA GLN A 49 7.18 -15.62 22.11
C GLN A 49 6.68 -15.90 20.70
N ALA A 50 7.49 -16.55 19.88
CA ALA A 50 7.11 -16.98 18.54
C ALA A 50 8.00 -18.16 18.19
N PRO A 51 7.68 -18.91 17.13
CA PRO A 51 8.50 -20.09 16.80
C PRO A 51 9.96 -19.76 16.58
N THR A 52 10.25 -18.60 16.01
CA THR A 52 11.59 -18.05 16.01
C THR A 52 11.56 -16.74 16.79
N HIS A 53 12.43 -16.63 17.80
CA HIS A 53 12.51 -15.42 18.59
C HIS A 53 13.94 -15.28 19.08
N PHE A 54 14.69 -14.33 18.51
CA PHE A 54 16.08 -14.11 18.87
C PHE A 54 16.33 -12.63 19.14
N LEU A 55 17.47 -12.34 19.73
CA LEU A 55 17.93 -11.00 20.05
C LEU A 55 19.25 -10.72 19.34
N VAL A 56 19.46 -9.46 18.98
CA VAL A 56 20.75 -8.96 18.55
C VAL A 56 21.14 -7.83 19.49
N ILE A 57 22.32 -7.93 20.10
CA ILE A 57 22.73 -6.98 21.12
C ILE A 57 24.10 -6.43 20.76
N PRO A 58 24.38 -5.16 21.06
CA PRO A 58 25.76 -4.66 20.90
C PRO A 58 26.64 -5.18 22.02
N LYS A 59 27.91 -5.36 21.69
CA LYS A 59 28.86 -5.67 22.75
C LYS A 59 29.10 -4.46 23.63
N LYS A 60 29.02 -3.25 23.08
CA LYS A 60 29.10 -2.06 23.91
C LYS A 60 27.88 -2.00 24.81
N HIS A 61 28.09 -1.67 26.08
CA HIS A 61 26.95 -1.68 27.02
C HIS A 61 26.23 -0.34 26.97
N ILE A 62 25.32 -0.24 26.01
CA ILE A 62 24.35 0.85 25.96
C ILE A 62 23.14 0.36 26.75
N SER A 63 22.81 1.03 27.84
CA SER A 63 21.77 0.53 28.75
C SER A 63 20.39 0.57 28.13
N GLN A 64 20.09 1.55 27.29
CA GLN A 64 18.77 1.66 26.68
C GLN A 64 18.88 2.60 25.50
N ILE A 65 17.95 2.45 24.56
CA ILE A 65 18.03 3.26 23.33
C ILE A 65 17.94 4.75 23.61
N SER A 66 17.22 5.15 24.68
CA SER A 66 17.08 6.58 24.97
C SER A 66 18.42 7.26 25.28
N VAL A 67 19.47 6.51 25.65
CA VAL A 67 20.77 7.11 25.93
C VAL A 67 21.78 6.84 24.82
N ALA A 68 21.36 6.23 23.72
CA ALA A 68 22.27 6.03 22.61
C ALA A 68 22.76 7.38 22.10
N GLU A 69 24.03 7.43 21.71
CA GLU A 69 24.67 8.66 21.26
C GLU A 69 24.71 8.68 19.74
N ASP A 70 24.82 9.89 19.19
CA ASP A 70 24.86 10.05 17.74
C ASP A 70 25.94 9.16 17.12
N ASP A 71 27.08 9.04 17.80
CA ASP A 71 28.19 8.22 17.32
C ASP A 71 27.84 6.74 17.25
N ASP A 72 26.77 6.30 17.94
CA ASP A 72 26.31 4.92 17.87
C ASP A 72 25.41 4.63 16.68
N GLU A 73 25.15 5.61 15.83
CA GLU A 73 24.18 5.44 14.75
C GLU A 73 24.45 4.20 13.91
N SER A 74 25.67 4.05 13.42
CA SER A 74 25.92 2.93 12.51
C SER A 74 25.94 1.60 13.25
N LEU A 75 26.37 1.58 14.52
CA LEU A 75 26.26 0.37 15.33
C LEU A 75 24.81 -0.08 15.49
N LEU A 76 23.91 0.85 15.80
CA LEU A 76 22.50 0.50 15.90
C LEU A 76 21.97 -0.05 14.57
N GLY A 77 22.35 0.59 13.45
CA GLY A 77 21.94 0.05 12.17
C GLY A 77 22.56 -1.32 11.90
N HIS A 78 23.77 -1.55 12.41
CA HIS A 78 24.40 -2.86 12.30
C HIS A 78 23.57 -3.93 13.01
N LEU A 79 22.98 -3.60 14.15
CA LEU A 79 22.12 -4.58 14.81
C LEU A 79 20.99 -4.99 13.90
N MET A 80 20.42 -4.03 13.17
CA MET A 80 19.28 -4.32 12.29
C MET A 80 19.71 -5.09 11.06
N ILE A 81 20.85 -4.75 10.46
CA ILE A 81 21.33 -5.55 9.32
C ILE A 81 21.65 -6.99 9.76
N VAL A 82 22.31 -7.15 10.92
CA VAL A 82 22.56 -8.49 11.45
C VAL A 82 21.25 -9.23 11.74
N GLY A 83 20.27 -8.55 12.35
CA GLY A 83 18.98 -9.19 12.57
C GLY A 83 18.32 -9.61 11.27
N LYS A 84 18.43 -8.77 10.23
CA LYS A 84 17.90 -9.11 8.91
C LYS A 84 18.56 -10.38 8.37
N LYS A 85 19.89 -10.45 8.47
CA LYS A 85 20.61 -11.58 7.89
C LYS A 85 20.33 -12.85 8.69
N CYS A 86 20.29 -12.76 10.01
CA CYS A 86 19.94 -13.91 10.83
C CYS A 86 18.53 -14.41 10.53
N ALA A 87 17.56 -13.50 10.35
CA ALA A 87 16.20 -13.93 10.03
C ALA A 87 16.16 -14.70 8.71
N ALA A 88 16.91 -14.22 7.71
CA ALA A 88 16.97 -14.95 6.45
C ALA A 88 17.61 -16.33 6.63
N ASP A 89 18.71 -16.41 7.40
CA ASP A 89 19.38 -17.69 7.63
C ASP A 89 18.49 -18.65 8.41
N LEU A 90 17.59 -18.13 9.24
CA LEU A 90 16.69 -18.97 10.00
C LEU A 90 15.40 -19.28 9.24
N GLY A 91 15.30 -18.89 7.99
CA GLY A 91 14.15 -19.27 7.16
C GLY A 91 12.91 -18.43 7.32
N LEU A 92 13.03 -17.19 7.80
CA LEU A 92 11.86 -16.33 8.01
C LEU A 92 11.44 -15.60 6.73
N ASN A 93 11.15 -16.40 5.70
CA ASN A 93 10.80 -15.87 4.38
CA ASN A 93 10.81 -15.88 4.37
C ASN A 93 9.46 -15.16 4.36
N LYS A 94 8.55 -15.48 5.27
CA LYS A 94 7.21 -14.93 5.27
C LYS A 94 7.10 -13.64 6.08
N GLY A 95 8.19 -13.22 6.72
CA GLY A 95 8.19 -11.98 7.45
C GLY A 95 8.52 -12.17 8.92
N TYR A 96 8.59 -11.05 9.61
CA TYR A 96 8.97 -11.05 11.02
C TYR A 96 8.75 -9.65 11.54
N ARG A 97 8.92 -9.47 12.84
CA ARG A 97 8.81 -8.19 13.51
C ARG A 97 10.04 -7.94 14.37
N MET A 98 10.64 -6.75 14.21
CA MET A 98 11.76 -6.30 15.02
C MET A 98 11.27 -5.32 16.07
N VAL A 99 11.77 -5.46 17.28
CA VAL A 99 11.26 -4.69 18.41
C VAL A 99 12.42 -4.22 19.27
N VAL A 100 12.36 -2.96 19.69
CA VAL A 100 13.24 -2.41 20.72
C VAL A 100 12.35 -1.84 21.81
N ASN A 101 12.50 -2.34 23.02
CA ASN A 101 11.72 -1.84 24.15
C ASN A 101 12.56 -0.83 24.93
N GLU A 102 11.92 0.26 25.35
CA GLU A 102 12.56 1.30 26.14
C GLU A 102 11.79 1.52 27.45
N GLY A 103 12.45 1.31 28.58
CA GLY A 103 11.88 1.72 29.85
C GLY A 103 10.68 0.92 30.29
N SER A 104 10.04 1.44 31.33
CA SER A 104 8.92 0.76 31.97
C SER A 104 7.74 0.62 31.02
N ASP A 105 7.30 1.73 30.40
CA ASP A 105 6.16 1.62 29.50
C ASP A 105 6.48 0.73 28.32
N GLY A 106 7.74 0.73 27.87
CA GLY A 106 8.12 -0.12 26.76
C GLY A 106 8.27 -1.58 27.14
N GLY A 107 8.23 -1.90 28.43
CA GLY A 107 8.41 -3.27 28.85
C GLY A 107 9.83 -3.78 28.72
N GLN A 108 10.82 -2.90 28.77
CA GLN A 108 12.22 -3.30 28.66
C GLN A 108 12.61 -4.20 29.84
N SER A 109 13.05 -5.42 29.53
CA SER A 109 13.26 -6.45 30.55
CA SER A 109 13.25 -6.43 30.57
C SER A 109 14.69 -6.50 31.05
N VAL A 110 15.66 -6.04 30.24
CA VAL A 110 17.09 -6.02 30.57
C VAL A 110 17.65 -4.68 30.14
N TYR A 111 18.40 -4.02 31.02
CA TYR A 111 18.97 -2.71 30.69
C TYR A 111 20.33 -2.84 29.96
N HIS A 112 20.26 -3.52 28.83
CA HIS A 112 21.29 -3.60 27.81
C HIS A 112 20.52 -3.62 26.50
N VAL A 113 20.73 -2.60 25.66
CA VAL A 113 19.91 -2.46 24.45
CA VAL A 113 19.84 -2.48 24.51
C VAL A 113 19.87 -3.76 23.68
N HIS A 114 18.68 -4.13 23.20
CA HIS A 114 18.54 -5.35 22.44
C HIS A 114 17.47 -5.17 21.39
N LEU A 115 17.72 -5.73 20.20
CA LEU A 115 16.78 -5.76 19.10
C LEU A 115 16.20 -7.18 19.04
N ALA A 116 14.92 -7.31 19.39
CA ALA A 116 14.28 -8.63 19.30
C ALA A 116 13.74 -8.84 17.89
N VAL A 117 13.75 -10.08 17.43
CA VAL A 117 13.25 -10.44 16.11
C VAL A 117 12.35 -11.65 16.28
N LEU A 118 11.08 -11.52 15.92
CA LEU A 118 10.10 -12.59 16.13
C LEU A 118 9.45 -12.96 14.80
N GLY A 119 9.30 -14.25 14.56
CA GLY A 119 8.65 -14.68 13.34
C GLY A 119 8.29 -16.15 13.42
N GLY A 120 7.86 -16.69 12.29
CA GLY A 120 7.38 -18.06 12.24
C GLY A 120 5.91 -18.22 12.59
N ARG A 121 5.22 -17.12 12.86
CA ARG A 121 3.77 -17.09 12.99
C ARG A 121 3.32 -15.70 12.59
N GLN A 122 2.02 -15.55 12.43
CA GLN A 122 1.48 -14.22 12.17
C GLN A 122 1.63 -13.36 13.42
N MET A 123 2.26 -12.20 13.25
CA MET A 123 2.32 -11.24 14.34
C MET A 123 1.09 -10.33 14.24
N HIS A 124 0.59 -9.91 15.40
CA HIS A 124 -0.71 -9.27 15.47
C HIS A 124 -0.57 -7.79 15.75
N TRP A 125 -1.69 -7.09 15.62
CA TRP A 125 -1.74 -5.67 15.84
C TRP A 125 -2.86 -5.40 16.84
N PRO A 126 -2.62 -4.56 17.88
CA PRO A 126 -1.42 -3.78 18.15
C PRO A 126 -0.23 -4.63 18.61
N PRO A 127 0.99 -4.10 18.55
CA PRO A 127 2.18 -4.90 18.94
C PRO A 127 2.45 -4.80 20.43
N GLY A 128 1.49 -5.27 21.21
CA GLY A 128 1.52 -5.10 22.66
C GLY A 128 0.70 -3.91 23.07
N ARG B 14 10.62 9.03 -8.80
CA ARG B 14 10.29 10.11 -7.87
C ARG B 14 10.98 9.88 -6.53
N PRO B 15 11.57 10.92 -5.97
CA PRO B 15 12.31 10.78 -4.70
C PRO B 15 11.39 10.32 -3.59
N GLY B 16 11.67 9.13 -3.04
CA GLY B 16 10.82 8.54 -2.03
C GLY B 16 9.92 7.41 -2.51
N GLY B 17 9.83 7.17 -3.81
CA GLY B 17 8.96 6.13 -4.32
C GLY B 17 7.54 6.61 -4.45
N ASP B 18 6.64 5.70 -4.82
CA ASP B 18 5.27 6.14 -5.06
C ASP B 18 4.24 5.39 -4.22
N THR B 19 4.65 4.83 -3.07
CA THR B 19 3.66 4.43 -2.07
C THR B 19 3.13 5.68 -1.39
N ILE B 20 2.13 5.49 -0.52
CA ILE B 20 1.62 6.57 0.32
C ILE B 20 2.77 7.30 1.04
N PHE B 21 3.78 6.56 1.48
CA PHE B 21 4.87 7.20 2.21
C PHE B 21 5.74 8.07 1.29
N GLY B 22 5.92 7.66 0.03
CA GLY B 22 6.58 8.54 -0.93
C GLY B 22 5.77 9.81 -1.20
N LYS B 23 4.45 9.67 -1.25
CA LYS B 23 3.59 10.85 -1.42
C LYS B 23 3.71 11.79 -0.23
N ILE B 24 3.78 11.25 0.98
CA ILE B 24 3.96 12.07 2.17
C ILE B 24 5.33 12.77 2.15
N ILE B 25 6.38 12.06 1.77
CA ILE B 25 7.70 12.68 1.68
C ILE B 25 7.69 13.90 0.77
N ARG B 26 6.99 13.83 -0.36
CA ARG B 26 7.00 14.92 -1.32
C ARG B 26 5.90 15.94 -1.06
N LYS B 27 5.21 15.86 0.08
CA LYS B 27 4.16 16.80 0.44
C LYS B 27 2.95 16.72 -0.49
N GLU B 28 2.75 15.57 -1.16
CA GLU B 28 1.59 15.41 -2.04
C GLU B 28 0.34 15.03 -1.26
N ILE B 29 0.54 14.35 -0.13
CA ILE B 29 -0.53 13.93 0.77
C ILE B 29 -0.15 14.51 2.13
N PRO B 30 -1.07 15.11 2.87
CA PRO B 30 -0.70 15.78 4.12
C PRO B 30 -0.36 14.78 5.21
N ALA B 31 0.47 15.24 6.14
CA ALA B 31 0.84 14.46 7.31
C ALA B 31 1.19 15.42 8.44
N LYS B 32 1.18 14.88 9.66
CA LYS B 32 1.45 15.66 10.87
C LYS B 32 2.90 15.37 11.22
N ILE B 33 3.79 16.22 10.72
CA ILE B 33 5.21 15.97 10.74
C ILE B 33 5.82 16.42 12.05
N ILE B 34 6.68 15.56 12.58
CA ILE B 34 7.39 15.79 13.84
C ILE B 34 8.82 16.24 13.58
N PHE B 35 9.48 15.62 12.61
CA PHE B 35 10.88 15.91 12.36
C PHE B 35 11.17 15.57 10.91
N GLU B 36 12.07 16.36 10.29
CA GLU B 36 12.43 16.11 8.91
C GLU B 36 13.89 16.48 8.71
N ASP B 37 14.63 15.61 8.03
CA ASP B 37 15.97 15.97 7.58
C ASP B 37 16.20 15.42 6.19
N ASP B 38 17.45 15.47 5.72
CA ASP B 38 17.72 15.00 4.37
C ASP B 38 17.59 13.49 4.23
N ARG B 39 17.60 12.75 5.33
CA ARG B 39 17.57 11.29 5.26
C ARG B 39 16.26 10.65 5.67
N CYS B 40 15.42 11.35 6.42
CA CYS B 40 14.26 10.65 7.00
C CYS B 40 13.19 11.66 7.35
N LEU B 41 12.04 11.11 7.73
CA LEU B 41 10.87 11.91 8.09
C LEU B 41 10.16 11.19 9.20
N ALA B 42 9.70 11.94 10.20
CA ALA B 42 8.89 11.37 11.28
C ALA B 42 7.55 12.08 11.31
N PHE B 43 6.47 11.31 11.46
CA PHE B 43 5.11 11.86 11.40
C PHE B 43 4.18 10.97 12.20
N HIS B 44 3.07 11.54 12.65
CA HIS B 44 2.14 10.80 13.48
C HIS B 44 1.35 9.79 12.67
N ASP B 45 1.08 8.64 13.28
CA ASP B 45 0.33 7.58 12.60
C ASP B 45 -1.16 7.94 12.50
N ILE B 46 -1.77 7.61 11.36
CA ILE B 46 -3.18 7.93 11.15
C ILE B 46 -4.12 7.02 11.96
N SER B 47 -3.62 5.90 12.47
CA SER B 47 -4.43 4.91 13.18
C SER B 47 -3.68 4.54 14.45
N PRO B 48 -3.60 5.46 15.41
CA PRO B 48 -2.74 5.24 16.56
C PRO B 48 -3.21 4.06 17.40
N GLN B 49 -2.24 3.29 17.86
CA GLN B 49 -2.44 2.13 18.73
C GLN B 49 -1.97 2.41 20.13
N ALA B 50 -1.52 3.63 20.41
CA ALA B 50 -1.08 4.07 21.72
C ALA B 50 -1.31 5.56 21.80
N PRO B 51 -1.32 6.15 22.99
CA PRO B 51 -1.63 7.59 23.07
C PRO B 51 -0.68 8.44 22.25
N THR B 52 0.56 8.03 22.10
CA THR B 52 1.48 8.59 21.12
C THR B 52 1.93 7.45 20.21
N HIS B 53 1.82 7.64 18.90
CA HIS B 53 2.17 6.61 17.94
C HIS B 53 2.62 7.32 16.66
N PHE B 54 3.90 7.21 16.34
CA PHE B 54 4.44 7.89 15.18
C PHE B 54 5.33 6.94 14.41
N LEU B 55 5.68 7.37 13.21
CA LEU B 55 6.50 6.60 12.29
C LEU B 55 7.74 7.39 11.93
N VAL B 56 8.85 6.68 11.71
CA VAL B 56 10.06 7.26 11.15
C VAL B 56 10.38 6.47 9.88
N ILE B 57 10.53 7.18 8.76
CA ILE B 57 10.74 6.49 7.49
C ILE B 57 11.96 7.11 6.81
N PRO B 58 12.71 6.34 6.04
CA PRO B 58 13.77 6.91 5.23
C PRO B 58 13.16 7.66 4.05
N LYS B 59 13.89 8.68 3.60
CA LYS B 59 13.51 9.32 2.35
C LYS B 59 13.92 8.50 1.14
N LYS B 60 15.02 7.75 1.24
CA LYS B 60 15.36 6.75 0.24
C LYS B 60 14.35 5.61 0.32
N HIS B 61 13.79 5.25 -0.82
CA HIS B 61 12.82 4.17 -0.86
C HIS B 61 13.53 2.82 -0.69
N ILE B 62 13.13 2.11 0.35
CA ILE B 62 13.53 0.72 0.58
C ILE B 62 12.23 0.00 0.86
N SER B 63 11.95 -1.07 0.10
CA SER B 63 10.62 -1.67 0.19
C SER B 63 10.36 -2.30 1.54
N GLN B 64 11.36 -2.99 2.11
CA GLN B 64 11.19 -3.77 3.33
C GLN B 64 12.58 -4.09 3.85
N ILE B 65 12.67 -4.36 5.17
CA ILE B 65 13.99 -4.50 5.78
C ILE B 65 14.75 -5.67 5.19
N SER B 66 14.04 -6.71 4.76
CA SER B 66 14.73 -7.91 4.27
C SER B 66 15.49 -7.65 2.97
N VAL B 67 15.25 -6.54 2.27
CA VAL B 67 16.05 -6.19 1.09
C VAL B 67 16.96 -4.99 1.33
N ALA B 68 17.07 -4.50 2.56
CA ALA B 68 18.02 -3.43 2.82
C ALA B 68 19.43 -3.91 2.51
N GLU B 69 20.17 -3.02 1.88
CA GLU B 69 21.61 -3.30 1.64
CA GLU B 69 21.60 -3.30 1.64
C GLU B 69 22.62 -2.96 2.88
N ASP B 70 23.76 -3.59 2.73
CA ASP B 70 24.75 -3.38 3.79
C ASP B 70 25.04 -1.90 3.99
N ASP B 71 25.11 -1.14 2.90
CA ASP B 71 25.37 0.29 2.91
C ASP B 71 24.20 1.10 3.43
N ASP B 72 23.08 0.47 3.77
CA ASP B 72 21.97 1.15 4.41
C ASP B 72 22.09 1.17 5.93
N GLU B 73 23.19 0.64 6.47
CA GLU B 73 23.35 0.50 7.92
C GLU B 73 23.20 1.83 8.65
N SER B 74 23.93 2.85 8.19
CA SER B 74 23.88 4.17 8.84
C SER B 74 22.47 4.75 8.78
N LEU B 75 21.79 4.59 7.63
CA LEU B 75 20.44 5.11 7.47
C LEU B 75 19.50 4.45 8.45
N LEU B 76 19.57 3.12 8.57
CA LEU B 76 18.69 2.42 9.49
C LEU B 76 18.95 2.84 10.94
N GLY B 77 20.23 2.94 11.32
CA GLY B 77 20.54 3.43 12.66
C GLY B 77 20.04 4.84 12.86
N HIS B 78 20.05 5.65 11.78
CA HIS B 78 19.54 7.01 11.90
C HIS B 78 18.04 7.02 12.19
N LEU B 79 17.28 6.09 11.58
CA LEU B 79 15.87 5.97 11.92
C LEU B 79 15.66 5.73 13.41
N MET B 80 16.53 4.94 14.05
CA MET B 80 16.37 4.65 15.47
C MET B 80 16.79 5.84 16.32
N ILE B 81 17.86 6.53 15.92
CA ILE B 81 18.27 7.71 16.65
C ILE B 81 17.20 8.78 16.59
N VAL B 82 16.63 9.00 15.40
CA VAL B 82 15.57 9.99 15.25
C VAL B 82 14.33 9.56 16.04
N GLY B 83 14.02 8.25 16.03
CA GLY B 83 12.89 7.78 16.81
C GLY B 83 13.05 8.06 18.30
N LYS B 84 14.24 7.80 18.85
CA LYS B 84 14.43 8.07 20.26
C LYS B 84 14.47 9.57 20.56
N LYS B 85 15.05 10.38 19.64
CA LYS B 85 15.04 11.83 19.85
C LYS B 85 13.62 12.41 19.78
N CYS B 86 12.82 11.97 18.81
CA CYS B 86 11.45 12.43 18.74
C CYS B 86 10.65 11.94 19.95
N ALA B 87 10.88 10.71 20.41
CA ALA B 87 10.18 10.24 21.59
C ALA B 87 10.48 11.12 22.81
N ALA B 88 11.74 11.53 22.97
CA ALA B 88 12.07 12.46 24.05
C ALA B 88 11.41 13.82 23.86
N ASP B 89 11.42 14.36 22.64
CA ASP B 89 10.78 15.65 22.40
C ASP B 89 9.28 15.59 22.66
N LEU B 90 8.66 14.44 22.42
CA LEU B 90 7.25 14.22 22.67
C LEU B 90 6.95 13.82 24.10
N GLY B 91 7.96 13.84 24.97
CA GLY B 91 7.72 13.62 26.40
C GLY B 91 7.44 12.19 26.79
N LEU B 92 7.94 11.21 26.05
CA LEU B 92 7.77 9.80 26.41
C LEU B 92 8.83 9.32 27.40
N ASN B 93 8.95 10.03 28.52
CA ASN B 93 9.98 9.75 29.49
C ASN B 93 9.74 8.48 30.29
N LYS B 94 8.54 7.91 30.25
CA LYS B 94 8.29 6.64 30.91
C LYS B 94 8.58 5.45 30.00
N GLY B 95 8.87 5.68 28.73
CA GLY B 95 9.30 4.64 27.83
C GLY B 95 8.40 4.52 26.61
N TYR B 96 8.76 3.55 25.77
CA TYR B 96 8.11 3.41 24.48
C TYR B 96 8.62 2.14 23.83
N ARG B 97 7.98 1.75 22.72
CA ARG B 97 8.35 0.55 21.98
C ARG B 97 8.55 0.92 20.52
N MET B 98 9.71 0.52 19.97
CA MET B 98 9.99 0.68 18.54
C MET B 98 9.69 -0.63 17.83
N VAL B 99 9.06 -0.58 16.66
CA VAL B 99 8.57 -1.76 15.97
C VAL B 99 8.85 -1.59 14.49
N VAL B 100 9.56 -2.55 13.89
CA VAL B 100 9.75 -2.62 12.45
C VAL B 100 9.06 -3.88 11.96
N ASN B 101 7.99 -3.71 11.20
CA ASN B 101 7.25 -4.82 10.62
C ASN B 101 7.83 -5.21 9.25
N GLU B 102 8.07 -6.50 9.05
CA GLU B 102 8.58 -7.01 7.78
C GLU B 102 7.59 -8.01 7.17
N GLY B 103 7.12 -7.70 5.98
CA GLY B 103 6.33 -8.60 5.14
C GLY B 103 5.04 -9.08 5.80
N SER B 104 4.52 -10.20 5.27
CA SER B 104 3.17 -10.65 5.62
C SER B 104 3.05 -11.00 7.11
N ASP B 105 3.95 -11.86 7.61
CA ASP B 105 3.91 -12.27 9.01
C ASP B 105 4.24 -11.12 9.95
N GLY B 106 5.02 -10.12 9.47
CA GLY B 106 5.27 -8.96 10.30
C GLY B 106 4.14 -7.97 10.37
N GLY B 107 3.15 -8.11 9.51
CA GLY B 107 2.04 -7.17 9.48
C GLY B 107 2.24 -5.97 8.59
N GLN B 108 3.17 -6.04 7.63
CA GLN B 108 3.45 -4.93 6.74
C GLN B 108 2.50 -4.96 5.53
N SER B 109 1.93 -3.79 5.20
CA SER B 109 1.18 -3.56 3.97
C SER B 109 1.76 -2.45 3.12
N VAL B 110 2.35 -1.41 3.71
CA VAL B 110 3.00 -0.36 2.96
C VAL B 110 4.44 -0.79 2.77
N TYR B 111 4.81 -1.07 1.53
CA TYR B 111 6.15 -1.57 1.20
C TYR B 111 7.13 -0.42 0.97
N HIS B 112 7.29 0.33 2.06
CA HIS B 112 8.34 1.33 2.24
C HIS B 112 8.70 1.21 3.71
N VAL B 113 9.97 0.94 4.01
CA VAL B 113 10.42 0.65 5.38
CA VAL B 113 10.35 0.62 5.38
C VAL B 113 9.94 1.73 6.34
N HIS B 114 9.43 1.30 7.48
CA HIS B 114 8.96 2.22 8.51
C HIS B 114 9.25 1.67 9.90
N LEU B 115 9.71 2.56 10.76
CA LEU B 115 9.90 2.29 12.18
C LEU B 115 8.80 2.99 12.96
N ALA B 116 7.99 2.23 13.67
CA ALA B 116 6.92 2.79 14.48
C ALA B 116 7.40 2.95 15.91
N VAL B 117 7.00 4.05 16.55
CA VAL B 117 7.30 4.31 17.96
C VAL B 117 5.97 4.50 18.67
N LEU B 118 5.74 3.73 19.73
CA LEU B 118 4.47 3.72 20.47
C LEU B 118 4.76 3.96 21.93
N GLY B 119 4.01 4.85 22.55
CA GLY B 119 4.17 5.11 23.96
C GLY B 119 2.97 5.82 24.52
N GLY B 120 3.10 6.26 25.77
CA GLY B 120 2.02 6.90 26.48
C GLY B 120 1.09 5.95 27.19
N ARG B 121 1.40 4.65 27.18
CA ARG B 121 0.67 3.66 27.96
C ARG B 121 1.63 2.50 28.20
N GLN B 122 1.23 1.62 29.10
CA GLN B 122 1.98 0.38 29.31
C GLN B 122 1.86 -0.49 28.07
N MET B 123 2.99 -0.84 27.46
CA MET B 123 2.98 -1.83 26.40
C MET B 123 3.08 -3.22 27.00
N HIS B 124 2.51 -4.19 26.30
CA HIS B 124 2.38 -5.55 26.83
C HIS B 124 3.28 -6.51 26.08
N TRP B 125 3.44 -7.71 26.67
CA TRP B 125 4.22 -8.77 26.06
C TRP B 125 3.33 -10.00 25.85
N PRO B 126 3.46 -10.70 24.72
CA PRO B 126 4.36 -10.48 23.59
C PRO B 126 3.94 -9.25 22.77
N PRO B 127 4.82 -8.79 21.90
CA PRO B 127 4.55 -7.57 21.11
C PRO B 127 3.74 -7.93 19.86
N GLY B 128 2.50 -8.35 20.09
CA GLY B 128 1.72 -8.97 19.03
C GLY B 128 2.04 -10.43 18.83
N ASP C 18 -29.88 6.29 -32.47
CA ASP C 18 -30.06 5.08 -31.70
C ASP C 18 -30.34 5.42 -30.24
N THR C 19 -29.43 6.16 -29.64
CA THR C 19 -29.57 6.67 -28.28
C THR C 19 -29.33 8.18 -28.23
N ILE C 20 -29.68 8.77 -27.09
CA ILE C 20 -29.43 10.18 -26.84
C ILE C 20 -27.94 10.53 -26.96
N PHE C 21 -27.06 9.58 -26.63
CA PHE C 21 -25.63 9.85 -26.76
C PHE C 21 -25.22 9.92 -28.23
N GLY C 22 -25.87 9.16 -29.10
CA GLY C 22 -25.68 9.36 -30.52
C GLY C 22 -26.10 10.73 -30.99
N LYS C 23 -27.23 11.23 -30.49
CA LYS C 23 -27.65 12.58 -30.84
C LYS C 23 -26.65 13.62 -30.38
N ILE C 24 -26.06 13.43 -29.20
CA ILE C 24 -25.07 14.36 -28.69
C ILE C 24 -23.80 14.35 -29.56
N ILE C 25 -23.33 13.15 -29.94
CA ILE C 25 -22.18 13.03 -30.85
C ILE C 25 -22.44 13.77 -32.16
N ARG C 26 -23.64 13.61 -32.69
CA ARG C 26 -23.99 14.26 -33.96
C ARG C 26 -24.30 15.74 -33.80
N LYS C 27 -24.22 16.28 -32.58
CA LYS C 27 -24.50 17.69 -32.28
C LYS C 27 -25.96 18.07 -32.52
N GLU C 28 -26.86 17.09 -32.57
CA GLU C 28 -28.28 17.36 -32.75
C GLU C 28 -28.89 17.90 -31.47
N ILE C 29 -28.39 17.48 -30.31
CA ILE C 29 -28.86 18.11 -29.09
C ILE C 29 -27.65 18.55 -28.28
N PRO C 30 -27.79 19.60 -27.47
CA PRO C 30 -26.62 20.17 -26.81
C PRO C 30 -26.18 19.39 -25.58
N ALA C 31 -24.89 19.52 -25.31
CA ALA C 31 -24.24 19.05 -24.10
C ALA C 31 -23.07 19.98 -23.84
N LYS C 32 -22.62 20.03 -22.59
CA LYS C 32 -21.48 20.88 -22.23
C LYS C 32 -20.22 20.07 -22.51
N ILE C 33 -19.65 20.27 -23.69
CA ILE C 33 -18.55 19.45 -24.18
C ILE C 33 -17.25 19.90 -23.52
N ILE C 34 -16.48 18.93 -23.03
CA ILE C 34 -15.16 19.17 -22.41
C ILE C 34 -14.03 18.91 -23.39
N PHE C 35 -14.15 17.87 -24.20
CA PHE C 35 -13.07 17.46 -25.10
C PHE C 35 -13.67 16.63 -26.21
N GLU C 36 -13.04 16.68 -27.37
CA GLU C 36 -13.45 15.88 -28.48
C GLU C 36 -12.25 15.57 -29.34
N ASP C 37 -12.24 14.38 -29.92
CA ASP C 37 -11.25 14.02 -30.91
C ASP C 37 -11.96 13.26 -32.04
N ASP C 38 -11.21 12.52 -32.85
CA ASP C 38 -11.84 11.80 -33.95
C ASP C 38 -12.56 10.52 -33.55
N ARG C 39 -12.45 10.12 -32.30
CA ARG C 39 -12.97 8.83 -31.89
C ARG C 39 -13.71 8.84 -30.55
N CYS C 40 -13.78 9.97 -29.86
CA CYS C 40 -14.51 10.02 -28.59
C CYS C 40 -14.96 11.43 -28.29
N LEU C 41 -15.84 11.56 -27.28
CA LEU C 41 -16.39 12.83 -26.86
C LEU C 41 -16.51 12.80 -25.35
N ALA C 42 -16.11 13.88 -24.69
CA ALA C 42 -16.26 14.00 -23.23
C ALA C 42 -17.15 15.21 -22.91
N PHE C 43 -18.13 15.02 -22.02
CA PHE C 43 -19.08 16.09 -21.75
C PHE C 43 -19.63 15.91 -20.34
N HIS C 44 -20.04 17.01 -19.71
CA HIS C 44 -20.62 16.94 -18.38
C HIS C 44 -21.95 16.18 -18.37
N ASP C 45 -22.13 15.37 -17.33
CA ASP C 45 -23.37 14.63 -17.20
C ASP C 45 -24.51 15.56 -16.86
N ILE C 46 -25.66 15.34 -17.49
CA ILE C 46 -26.82 16.18 -17.22
C ILE C 46 -27.40 15.96 -15.83
N SER C 47 -27.08 14.83 -15.18
CA SER C 47 -27.56 14.54 -13.83
C SER C 47 -26.34 14.29 -12.94
N PRO C 48 -25.60 15.35 -12.59
CA PRO C 48 -24.33 15.13 -11.88
C PRO C 48 -24.55 14.63 -10.47
N GLN C 49 -23.68 13.70 -10.07
CA GLN C 49 -23.72 13.07 -8.76
C GLN C 49 -22.56 13.49 -7.88
N ALA C 50 -21.75 14.42 -8.34
CA ALA C 50 -20.59 14.94 -7.63
C ALA C 50 -20.32 16.33 -8.19
N PRO C 51 -19.55 17.17 -7.50
CA PRO C 51 -19.30 18.51 -8.05
C PRO C 51 -18.72 18.49 -9.45
N THR C 52 -17.89 17.51 -9.77
CA THR C 52 -17.49 17.25 -11.14
C THR C 52 -17.97 15.86 -11.52
N HIS C 53 -18.70 15.78 -12.61
CA HIS C 53 -19.23 14.49 -13.06
C HIS C 53 -19.40 14.57 -14.57
N PHE C 54 -18.52 13.90 -15.30
CA PHE C 54 -18.56 13.92 -16.75
C PHE C 54 -18.46 12.50 -17.31
N LEU C 55 -18.74 12.37 -18.60
CA LEU C 55 -18.72 11.11 -19.31
C LEU C 55 -17.71 11.20 -20.45
N VAL C 56 -17.08 10.09 -20.77
CA VAL C 56 -16.28 9.93 -21.99
C VAL C 56 -16.89 8.76 -22.76
N ILE C 57 -17.27 9.02 -24.00
CA ILE C 57 -17.95 8.01 -24.82
C ILE C 57 -17.22 7.81 -26.14
N PRO C 58 -17.20 6.60 -26.67
CA PRO C 58 -16.66 6.41 -28.02
C PRO C 58 -17.64 6.91 -29.05
N LYS C 59 -17.12 7.33 -30.20
CA LYS C 59 -18.01 7.65 -31.31
C LYS C 59 -18.57 6.39 -31.95
N LYS C 60 -17.80 5.31 -31.94
CA LYS C 60 -18.30 4.00 -32.35
C LYS C 60 -19.42 3.58 -31.40
N HIS C 61 -20.52 3.08 -31.96
CA HIS C 61 -21.67 2.73 -31.13
C HIS C 61 -21.50 1.31 -30.60
N ILE C 62 -20.74 1.21 -29.52
CA ILE C 62 -20.67 0.00 -28.73
C ILE C 62 -21.76 0.12 -27.68
N SER C 63 -22.72 -0.80 -27.69
CA SER C 63 -23.91 -0.60 -26.87
C SER C 63 -23.61 -0.81 -25.39
N GLN C 64 -22.64 -1.65 -25.06
CA GLN C 64 -22.33 -2.01 -23.68
C GLN C 64 -21.00 -2.73 -23.67
N ILE C 65 -20.29 -2.61 -22.55
CA ILE C 65 -18.94 -3.17 -22.48
C ILE C 65 -18.95 -4.68 -22.70
N SER C 66 -20.01 -5.37 -22.29
CA SER C 66 -20.05 -6.83 -22.49
C SER C 66 -19.95 -7.25 -23.96
N VAL C 67 -20.24 -6.36 -24.92
CA VAL C 67 -20.15 -6.70 -26.33
C VAL C 67 -18.94 -6.09 -27.00
N ALA C 68 -18.07 -5.44 -26.24
CA ALA C 68 -16.84 -4.94 -26.83
C ALA C 68 -15.97 -6.12 -27.25
N GLU C 69 -15.20 -5.91 -28.32
CA GLU C 69 -14.39 -6.97 -28.90
C GLU C 69 -12.92 -6.70 -28.62
N ASP C 70 -12.12 -7.74 -28.84
CA ASP C 70 -10.68 -7.61 -28.65
C ASP C 70 -10.13 -6.40 -29.40
N ASP C 71 -10.63 -6.18 -30.63
CA ASP C 71 -10.12 -5.09 -31.48
C ASP C 71 -10.35 -3.72 -30.86
N ASP C 72 -11.26 -3.61 -29.89
CA ASP C 72 -11.61 -2.37 -29.23
C ASP C 72 -10.68 -1.99 -28.10
N GLU C 73 -9.65 -2.79 -27.83
CA GLU C 73 -8.76 -2.59 -26.68
C GLU C 73 -8.21 -1.17 -26.64
N SER C 74 -7.60 -0.74 -27.75
CA SER C 74 -7.01 0.59 -27.85
C SER C 74 -8.06 1.67 -27.57
N LEU C 75 -9.23 1.54 -28.19
CA LEU C 75 -10.28 2.55 -28.05
C LEU C 75 -10.76 2.65 -26.62
N LEU C 76 -10.94 1.51 -25.95
CA LEU C 76 -11.39 1.56 -24.56
C LEU C 76 -10.33 2.20 -23.66
N GLY C 77 -9.06 1.82 -23.84
CA GLY C 77 -8.00 2.50 -23.11
C GLY C 77 -7.94 4.00 -23.42
N HIS C 78 -8.27 4.38 -24.65
CA HIS C 78 -8.29 5.79 -25.00
C HIS C 78 -9.37 6.54 -24.22
N LEU C 79 -10.52 5.92 -24.00
CA LEU C 79 -11.51 6.58 -23.14
C LEU C 79 -10.94 6.86 -21.77
N MET C 80 -10.17 5.91 -21.23
CA MET C 80 -9.63 6.11 -19.88
C MET C 80 -8.53 7.16 -19.86
N ILE C 81 -7.64 7.17 -20.86
CA ILE C 81 -6.63 8.21 -20.94
C ILE C 81 -7.28 9.59 -21.11
N VAL C 82 -8.29 9.71 -21.97
CA VAL C 82 -9.00 10.99 -22.11
C VAL C 82 -9.67 11.37 -20.78
N GLY C 83 -10.29 10.40 -20.10
CA GLY C 83 -10.90 10.72 -18.82
C GLY C 83 -9.89 11.23 -17.81
N LYS C 84 -8.71 10.57 -17.75
CA LYS C 84 -7.63 11.02 -16.88
C LYS C 84 -7.21 12.45 -17.21
N LYS C 85 -7.02 12.73 -18.49
CA LYS C 85 -6.58 14.06 -18.91
C LYS C 85 -7.63 15.11 -18.59
N CYS C 86 -8.90 14.80 -18.88
CA CYS C 86 -9.96 15.77 -18.58
C CYS C 86 -10.09 16.01 -17.09
N ALA C 87 -9.92 14.96 -16.28
CA ALA C 87 -10.00 15.12 -14.83
C ALA C 87 -8.91 16.07 -14.34
N ALA C 88 -7.70 15.96 -14.89
CA ALA C 88 -6.64 16.88 -14.49
C ALA C 88 -6.96 18.30 -14.92
N ASP C 89 -7.47 18.45 -16.15
CA ASP C 89 -7.79 19.78 -16.65
C ASP C 89 -8.92 20.44 -15.87
N LEU C 90 -9.84 19.64 -15.33
CA LEU C 90 -10.90 20.17 -14.49
C LEU C 90 -10.45 20.38 -13.04
N GLY C 91 -9.19 20.10 -12.72
CA GLY C 91 -8.70 20.38 -11.38
C GLY C 91 -8.96 19.31 -10.35
N LEU C 92 -9.19 18.06 -10.75
CA LEU C 92 -9.48 17.00 -9.80
C LEU C 92 -8.20 16.40 -9.21
N ASN C 93 -7.46 17.26 -8.51
CA ASN C 93 -6.15 16.88 -7.97
C ASN C 93 -6.23 16.05 -6.70
N LYS C 94 -7.38 15.97 -6.02
CA LYS C 94 -7.51 15.15 -4.82
C LYS C 94 -8.04 13.75 -5.09
N GLY C 95 -8.37 13.44 -6.33
CA GLY C 95 -8.79 12.10 -6.71
C GLY C 95 -10.14 12.11 -7.39
N TYR C 96 -10.58 10.92 -7.77
CA TYR C 96 -11.85 10.74 -8.46
C TYR C 96 -12.11 9.25 -8.62
N ARG C 97 -13.25 8.93 -9.19
CA ARG C 97 -13.66 7.56 -9.45
C ARG C 97 -14.15 7.45 -10.89
N MET C 98 -13.67 6.45 -11.60
CA MET C 98 -14.17 6.14 -12.94
C MET C 98 -15.10 4.94 -12.84
N VAL C 99 -16.19 5.00 -13.60
CA VAL C 99 -17.23 3.99 -13.52
C VAL C 99 -17.71 3.61 -14.92
N VAL C 100 -17.84 2.31 -15.17
CA VAL C 100 -18.55 1.79 -16.35
C VAL C 100 -19.65 0.86 -15.85
N ASN C 101 -20.89 1.20 -16.21
CA ASN C 101 -22.05 0.39 -15.83
C ASN C 101 -22.43 -0.55 -16.96
N GLU C 102 -22.74 -1.81 -16.61
CA GLU C 102 -23.17 -2.80 -17.60
C GLU C 102 -24.53 -3.39 -17.20
N GLY C 103 -25.52 -3.29 -18.10
CA GLY C 103 -26.77 -3.99 -17.91
C GLY C 103 -27.59 -3.52 -16.72
N SER C 104 -28.62 -4.32 -16.42
CA SER C 104 -29.58 -3.94 -15.39
C SER C 104 -28.94 -3.91 -14.00
N ASP C 105 -28.21 -4.98 -13.63
CA ASP C 105 -27.58 -4.98 -12.33
C ASP C 105 -26.55 -3.87 -12.21
N GLY C 106 -25.93 -3.49 -13.32
CA GLY C 106 -24.95 -2.43 -13.29
C GLY C 106 -25.56 -1.05 -13.27
N GLY C 107 -26.87 -0.96 -13.46
CA GLY C 107 -27.49 0.36 -13.49
C GLY C 107 -27.21 1.14 -14.75
N GLN C 108 -26.95 0.46 -15.86
CA GLN C 108 -26.61 1.14 -17.11
C GLN C 108 -27.82 1.90 -17.62
N SER C 109 -27.68 3.23 -17.76
CA SER C 109 -28.83 4.09 -18.05
CA SER C 109 -28.84 4.08 -18.05
C SER C 109 -29.02 4.36 -19.53
N VAL C 110 -27.97 4.19 -20.32
CA VAL C 110 -28.00 4.42 -21.76
C VAL C 110 -27.18 3.32 -22.41
N TYR C 111 -27.73 2.69 -23.46
CA TYR C 111 -27.03 1.59 -24.11
C TYR C 111 -26.11 2.12 -25.23
N HIS C 112 -25.20 2.95 -24.76
CA HIS C 112 -24.02 3.39 -25.51
C HIS C 112 -22.90 3.48 -24.47
N VAL C 113 -21.84 2.68 -24.65
CA VAL C 113 -20.78 2.59 -23.64
CA VAL C 113 -20.71 2.60 -23.71
C VAL C 113 -20.34 3.96 -23.18
N HIS C 114 -20.20 4.14 -21.87
CA HIS C 114 -19.77 5.41 -21.33
C HIS C 114 -18.92 5.18 -20.09
N LEU C 115 -17.86 5.94 -19.98
CA LEU C 115 -16.97 5.95 -18.83
C LEU C 115 -17.27 7.21 -18.04
N ALA C 116 -17.86 7.06 -16.87
CA ALA C 116 -18.18 8.21 -16.04
C ALA C 116 -16.99 8.54 -15.16
N VAL C 117 -16.80 9.83 -14.88
CA VAL C 117 -15.74 10.30 -14.00
C VAL C 117 -16.34 11.24 -12.99
N LEU C 118 -16.20 10.93 -11.71
CA LEU C 118 -16.79 11.69 -10.63
C LEU C 118 -15.72 12.12 -9.64
N GLY C 119 -15.75 13.39 -9.25
CA GLY C 119 -14.82 13.88 -8.24
C GLY C 119 -15.30 15.17 -7.65
N GLY C 120 -14.42 15.79 -6.86
CA GLY C 120 -14.75 17.02 -6.16
C GLY C 120 -15.47 16.83 -4.84
N ARG C 121 -15.62 15.59 -4.39
CA ARG C 121 -16.07 15.24 -3.06
C ARG C 121 -15.48 13.87 -2.77
N GLN C 122 -15.54 13.48 -1.50
CA GLN C 122 -15.15 12.14 -1.13
C GLN C 122 -16.13 11.13 -1.76
N MET C 123 -15.59 10.17 -2.50
CA MET C 123 -16.42 9.07 -2.99
C MET C 123 -16.39 7.94 -1.97
N HIS C 124 -17.51 7.25 -1.83
CA HIS C 124 -17.70 6.33 -0.71
C HIS C 124 -17.64 4.89 -1.16
N TRP C 125 -17.60 4.00 -0.17
CA TRP C 125 -17.49 2.57 -0.43
C TRP C 125 -18.59 1.91 0.38
N PRO C 126 -19.38 1.01 -0.21
CA PRO C 126 -19.23 0.48 -1.58
C PRO C 126 -19.65 1.49 -2.67
N PRO C 127 -19.26 1.23 -3.91
CA PRO C 127 -19.55 2.18 -5.01
C PRO C 127 -20.94 1.93 -5.61
N GLY C 128 -21.96 2.06 -4.75
CA GLY C 128 -23.30 1.68 -5.14
C GLY C 128 -23.64 0.29 -4.66
N ARG D 14 12.05 -7.15 -9.08
CA ARG D 14 10.70 -7.08 -8.53
C ARG D 14 9.68 -6.60 -9.57
N PRO D 15 9.40 -7.43 -10.57
CA PRO D 15 8.32 -7.09 -11.51
C PRO D 15 7.00 -7.00 -10.76
N GLY D 16 6.24 -5.96 -11.04
CA GLY D 16 5.01 -5.72 -10.33
C GLY D 16 5.08 -4.65 -9.26
N GLY D 17 6.26 -4.32 -8.76
CA GLY D 17 6.39 -3.18 -7.88
C GLY D 17 6.19 -3.50 -6.40
N ASP D 18 6.25 -2.43 -5.61
CA ASP D 18 6.34 -2.51 -4.16
C ASP D 18 5.01 -2.09 -3.57
N THR D 19 4.05 -2.99 -3.69
CA THR D 19 2.74 -2.91 -3.06
C THR D 19 2.29 -4.34 -2.78
N ILE D 20 1.20 -4.47 -2.03
CA ILE D 20 0.56 -5.76 -1.84
C ILE D 20 0.24 -6.40 -3.18
N PHE D 21 -0.17 -5.59 -4.15
CA PHE D 21 -0.54 -6.14 -5.44
C PHE D 21 0.69 -6.61 -6.21
N GLY D 22 1.81 -5.91 -6.06
CA GLY D 22 3.07 -6.44 -6.59
C GLY D 22 3.43 -7.81 -6.00
N LYS D 23 3.22 -7.98 -4.70
CA LYS D 23 3.49 -9.28 -4.09
C LYS D 23 2.57 -10.36 -4.64
N ILE D 24 1.32 -10.02 -4.92
CA ILE D 24 0.39 -10.98 -5.50
C ILE D 24 0.83 -11.38 -6.91
N ILE D 25 1.27 -10.41 -7.70
CA ILE D 25 1.77 -10.70 -9.05
C ILE D 25 2.92 -11.68 -8.99
N ARG D 26 3.81 -11.52 -8.00
CA ARG D 26 4.98 -12.38 -7.86
C ARG D 26 4.69 -13.65 -7.07
N LYS D 27 3.43 -13.90 -6.70
CA LYS D 27 3.05 -15.13 -6.01
C LYS D 27 3.70 -15.21 -4.63
N GLU D 28 4.04 -14.07 -4.05
CA GLU D 28 4.60 -14.02 -2.70
C GLU D 28 3.51 -14.00 -1.64
N ILE D 29 2.32 -13.54 -1.98
CA ILE D 29 1.17 -13.76 -1.11
C ILE D 29 0.05 -14.32 -1.96
N PRO D 30 -0.72 -15.27 -1.45
CA PRO D 30 -1.67 -15.99 -2.29
C PRO D 30 -2.88 -15.14 -2.66
N ALA D 31 -3.51 -15.52 -3.76
CA ALA D 31 -4.71 -14.87 -4.23
C ALA D 31 -5.55 -15.91 -4.97
N LYS D 32 -6.84 -15.61 -5.09
CA LYS D 32 -7.78 -16.48 -5.78
CA LYS D 32 -7.79 -16.47 -5.78
C LYS D 32 -7.89 -15.95 -7.22
N ILE D 33 -7.07 -16.52 -8.09
CA ILE D 33 -6.85 -15.99 -9.42
C ILE D 33 -7.90 -16.51 -10.37
N ILE D 34 -8.45 -15.59 -11.17
CA ILE D 34 -9.44 -15.89 -12.19
C ILE D 34 -8.82 -15.99 -13.57
N PHE D 35 -7.84 -15.14 -13.85
CA PHE D 35 -7.25 -15.05 -15.17
C PHE D 35 -5.86 -14.48 -15.04
N GLU D 36 -4.94 -14.95 -15.87
CA GLU D 36 -3.58 -14.42 -15.84
C GLU D 36 -3.01 -14.45 -17.25
N ASP D 37 -2.39 -13.35 -17.66
CA ASP D 37 -1.59 -13.35 -18.89
C ASP D 37 -0.31 -12.55 -18.66
N ASP D 38 0.38 -12.24 -19.76
CA ASP D 38 1.65 -11.53 -19.63
C ASP D 38 1.44 -10.07 -19.23
N ARG D 39 0.22 -9.54 -19.36
CA ARG D 39 0.00 -8.12 -19.10
C ARG D 39 -0.81 -7.84 -17.85
N CYS D 40 -1.56 -8.80 -17.35
CA CYS D 40 -2.48 -8.49 -16.24
C CYS D 40 -2.81 -9.73 -15.45
N LEU D 41 -3.58 -9.51 -14.40
CA LEU D 41 -3.95 -10.55 -13.46
CA LEU D 41 -3.95 -10.56 -13.47
C LEU D 41 -5.33 -10.15 -12.94
N ALA D 42 -6.23 -11.12 -12.85
CA ALA D 42 -7.55 -10.89 -12.26
C ALA D 42 -7.74 -11.84 -11.08
N PHE D 43 -8.20 -11.32 -9.95
CA PHE D 43 -8.33 -12.14 -8.75
C PHE D 43 -9.46 -11.59 -7.91
N HIS D 44 -10.04 -12.44 -7.06
CA HIS D 44 -11.17 -12.04 -6.22
C HIS D 44 -10.73 -11.08 -5.12
N ASP D 45 -11.54 -10.05 -4.88
CA ASP D 45 -11.26 -9.12 -3.79
C ASP D 45 -11.44 -9.80 -2.42
N ILE D 46 -10.55 -9.52 -1.47
CA ILE D 46 -10.70 -10.17 -0.17
C ILE D 46 -11.77 -9.53 0.70
N SER D 47 -12.29 -8.38 0.31
CA SER D 47 -13.32 -7.67 1.06
C SER D 47 -14.46 -7.35 0.10
N PRO D 48 -15.20 -8.37 -0.34
CA PRO D 48 -16.18 -8.16 -1.40
C PRO D 48 -17.33 -7.26 -0.94
N GLN D 49 -17.74 -6.38 -1.84
CA GLN D 49 -18.87 -5.50 -1.63
C GLN D 49 -20.05 -5.92 -2.46
N ALA D 50 -19.94 -7.03 -3.19
CA ALA D 50 -21.02 -7.57 -4.01
C ALA D 50 -20.84 -9.08 -4.00
N PRO D 51 -21.88 -9.84 -4.34
CA PRO D 51 -21.75 -11.30 -4.33
C PRO D 51 -20.57 -11.79 -5.16
N THR D 52 -20.27 -11.14 -6.27
CA THR D 52 -19.04 -11.31 -7.05
C THR D 52 -18.33 -9.96 -7.09
N HIS D 53 -17.05 -9.97 -6.73
CA HIS D 53 -16.27 -8.74 -6.66
C HIS D 53 -14.82 -9.13 -6.89
N PHE D 54 -14.28 -8.77 -8.06
CA PHE D 54 -12.90 -9.10 -8.37
C PHE D 54 -12.17 -7.86 -8.89
N LEU D 55 -10.87 -7.99 -9.00
CA LEU D 55 -10.01 -6.92 -9.46
C LEU D 55 -9.21 -7.39 -10.65
N VAL D 56 -8.96 -6.47 -11.60
CA VAL D 56 -8.05 -6.69 -12.73
C VAL D 56 -6.94 -5.66 -12.62
N ILE D 57 -5.70 -6.13 -12.58
CA ILE D 57 -4.57 -5.24 -12.37
C ILE D 57 -3.52 -5.46 -13.47
N PRO D 58 -2.80 -4.44 -13.88
CA PRO D 58 -1.66 -4.65 -14.78
C PRO D 58 -0.53 -5.32 -14.02
N LYS D 59 0.26 -6.11 -14.75
CA LYS D 59 1.49 -6.62 -14.16
C LYS D 59 2.56 -5.53 -14.08
N LYS D 60 2.56 -4.58 -15.00
CA LYS D 60 3.42 -3.40 -14.88
C LYS D 60 2.93 -2.54 -13.74
N HIS D 61 3.85 -2.12 -12.87
CA HIS D 61 3.51 -1.18 -11.81
C HIS D 61 3.16 0.20 -12.40
N ILE D 62 1.92 0.62 -12.15
CA ILE D 62 1.46 1.98 -12.36
C ILE D 62 0.71 2.34 -11.09
N SER D 63 1.10 3.44 -10.42
CA SER D 63 0.57 3.67 -9.07
C SER D 63 -0.90 4.00 -9.05
N GLN D 64 -1.40 4.67 -10.10
CA GLN D 64 -2.75 5.19 -10.14
C GLN D 64 -3.02 5.67 -11.55
N ILE D 65 -4.31 5.74 -11.92
CA ILE D 65 -4.65 6.04 -13.31
C ILE D 65 -4.19 7.45 -13.70
N SER D 66 -4.07 8.37 -12.74
CA SER D 66 -3.68 9.74 -13.08
C SER D 66 -2.25 9.85 -13.60
N VAL D 67 -1.40 8.84 -13.37
CA VAL D 67 -0.02 8.87 -13.86
C VAL D 67 0.21 7.91 -15.00
N ALA D 68 -0.84 7.25 -15.50
CA ALA D 68 -0.70 6.42 -16.68
C ALA D 68 -0.22 7.25 -17.86
N GLU D 69 0.70 6.68 -18.63
CA GLU D 69 1.25 7.34 -19.79
C GLU D 69 0.38 7.04 -21.02
N ASP D 70 0.51 7.88 -22.04
CA ASP D 70 -0.20 7.65 -23.30
C ASP D 70 0.05 6.25 -23.87
N ASP D 71 1.26 5.71 -23.69
CA ASP D 71 1.62 4.39 -24.20
C ASP D 71 1.01 3.26 -23.40
N ASP D 72 0.38 3.58 -22.27
CA ASP D 72 -0.37 2.61 -21.48
C ASP D 72 -1.79 2.39 -22.00
N GLU D 73 -2.19 3.03 -23.10
CA GLU D 73 -3.57 2.98 -23.55
C GLU D 73 -4.05 1.55 -23.79
N SER D 74 -3.30 0.80 -24.58
CA SER D 74 -3.72 -0.57 -24.89
CA SER D 74 -3.67 -0.58 -24.90
C SER D 74 -3.79 -1.43 -23.63
N LEU D 75 -2.87 -1.22 -22.67
CA LEU D 75 -2.89 -2.02 -21.45
C LEU D 75 -4.14 -1.72 -20.64
N LEU D 76 -4.52 -0.45 -20.54
CA LEU D 76 -5.71 -0.09 -19.78
C LEU D 76 -6.97 -0.64 -20.42
N GLY D 77 -7.07 -0.57 -21.76
CA GLY D 77 -8.20 -1.18 -22.42
C GLY D 77 -8.23 -2.69 -22.24
N HIS D 78 -7.04 -3.32 -22.19
CA HIS D 78 -6.96 -4.75 -21.96
C HIS D 78 -7.50 -5.11 -20.57
N LEU D 79 -7.26 -4.26 -19.57
CA LEU D 79 -7.88 -4.48 -18.27
C LEU D 79 -9.41 -4.53 -18.37
N MET D 80 -10.00 -3.64 -19.19
CA MET D 80 -11.44 -3.61 -19.33
C MET D 80 -11.96 -4.80 -20.13
N ILE D 81 -11.22 -5.21 -21.17
CA ILE D 81 -11.59 -6.39 -21.93
C ILE D 81 -11.52 -7.65 -21.05
N VAL D 82 -10.45 -7.80 -20.27
CA VAL D 82 -10.33 -8.93 -19.36
C VAL D 82 -11.41 -8.86 -18.31
N GLY D 83 -11.72 -7.67 -17.80
CA GLY D 83 -12.82 -7.53 -16.86
C GLY D 83 -14.14 -8.03 -17.41
N LYS D 84 -14.49 -7.63 -18.64
CA LYS D 84 -15.78 -8.07 -19.17
C LYS D 84 -15.77 -9.56 -19.52
N LYS D 85 -14.64 -10.09 -20.01
CA LYS D 85 -14.54 -11.52 -20.26
C LYS D 85 -14.66 -12.34 -18.97
N CYS D 86 -13.97 -11.92 -17.89
CA CYS D 86 -14.07 -12.69 -16.64
C CYS D 86 -15.48 -12.58 -16.08
N ALA D 87 -16.11 -11.41 -16.22
CA ALA D 87 -17.49 -11.27 -15.75
C ALA D 87 -18.42 -12.24 -16.45
N ALA D 88 -18.24 -12.40 -17.78
CA ALA D 88 -19.02 -13.39 -18.51
C ALA D 88 -18.71 -14.82 -18.06
N ASP D 89 -17.42 -15.13 -17.84
CA ASP D 89 -17.06 -16.47 -17.40
C ASP D 89 -17.61 -16.79 -16.01
N LEU D 90 -17.79 -15.77 -15.18
CA LEU D 90 -18.35 -15.92 -13.84
C LEU D 90 -19.87 -15.81 -13.82
N GLY D 91 -20.52 -15.73 -14.99
CA GLY D 91 -21.96 -15.80 -15.05
C GLY D 91 -22.67 -14.54 -14.64
N LEU D 92 -22.05 -13.38 -14.82
CA LEU D 92 -22.65 -12.10 -14.45
C LEU D 92 -23.50 -11.56 -15.61
N ASN D 93 -24.47 -12.38 -16.01
CA ASN D 93 -25.25 -12.12 -17.21
C ASN D 93 -26.32 -11.05 -17.00
N LYS D 94 -26.62 -10.69 -15.75
CA LYS D 94 -27.55 -9.59 -15.48
C LYS D 94 -26.85 -8.25 -15.37
N GLY D 95 -25.52 -8.23 -15.40
CA GLY D 95 -24.76 -7.00 -15.45
C GLY D 95 -23.81 -6.88 -14.27
N TYR D 96 -23.13 -5.72 -14.24
CA TYR D 96 -22.06 -5.50 -13.29
C TYR D 96 -21.58 -4.06 -13.43
N ARG D 97 -20.75 -3.62 -12.50
CA ARG D 97 -20.19 -2.28 -12.52
C ARG D 97 -18.67 -2.38 -12.43
N MET D 98 -17.97 -1.65 -13.29
CA MET D 98 -16.53 -1.54 -13.23
C MET D 98 -16.15 -0.21 -12.58
N VAL D 99 -15.15 -0.22 -11.69
CA VAL D 99 -14.79 0.94 -10.88
C VAL D 99 -13.27 1.08 -10.85
N VAL D 100 -12.75 2.26 -11.20
CA VAL D 100 -11.35 2.61 -10.95
C VAL D 100 -11.31 3.73 -9.93
N ASN D 101 -10.69 3.48 -8.77
CA ASN D 101 -10.54 4.50 -7.73
C ASN D 101 -9.20 5.21 -7.90
N GLU D 102 -9.25 6.55 -7.86
CA GLU D 102 -8.05 7.38 -7.99
C GLU D 102 -7.87 8.21 -6.72
N GLY D 103 -6.74 8.02 -6.05
CA GLY D 103 -6.31 8.83 -4.92
C GLY D 103 -7.31 8.90 -3.77
N SER D 104 -7.18 9.99 -3.00
CA SER D 104 -7.86 10.07 -1.72
C SER D 104 -9.37 10.20 -1.90
N ASP D 105 -9.81 11.12 -2.76
CA ASP D 105 -11.23 11.26 -3.00
C ASP D 105 -11.85 10.05 -3.70
N GLY D 106 -11.05 9.29 -4.45
CA GLY D 106 -11.55 8.05 -5.03
C GLY D 106 -11.59 6.87 -4.09
N GLY D 107 -11.02 7.00 -2.89
CA GLY D 107 -10.94 5.87 -1.97
C GLY D 107 -9.92 4.82 -2.33
N GLN D 108 -8.85 5.18 -3.07
CA GLN D 108 -7.90 4.18 -3.54
C GLN D 108 -7.14 3.54 -2.37
N SER D 109 -7.26 2.22 -2.24
CA SER D 109 -6.76 1.49 -1.07
C SER D 109 -5.36 0.92 -1.24
N VAL D 110 -4.85 0.82 -2.47
CA VAL D 110 -3.52 0.32 -2.80
C VAL D 110 -3.04 1.12 -4.00
N TYR D 111 -1.80 1.63 -3.94
CA TYR D 111 -1.29 2.46 -5.03
C TYR D 111 -0.66 1.59 -6.13
N HIS D 112 -1.52 0.78 -6.71
CA HIS D 112 -1.26 0.05 -7.94
C HIS D 112 -2.61 0.05 -8.65
N VAL D 113 -2.65 0.54 -9.89
CA VAL D 113 -3.91 0.65 -10.64
CA VAL D 113 -3.91 0.65 -10.64
C VAL D 113 -4.74 -0.62 -10.65
N HIS D 114 -6.01 -0.51 -10.26
CA HIS D 114 -6.86 -1.68 -10.28
C HIS D 114 -8.26 -1.34 -10.78
N LEU D 115 -8.78 -2.22 -11.63
CA LEU D 115 -10.14 -2.13 -12.11
C LEU D 115 -10.98 -3.13 -11.33
N ALA D 116 -11.93 -2.63 -10.55
CA ALA D 116 -12.80 -3.53 -9.81
C ALA D 116 -14.05 -3.83 -10.62
N VAL D 117 -14.57 -5.06 -10.49
CA VAL D 117 -15.78 -5.49 -11.17
C VAL D 117 -16.67 -6.07 -10.11
N LEU D 118 -17.87 -5.52 -9.96
CA LEU D 118 -18.83 -5.91 -8.92
C LEU D 118 -20.15 -6.31 -9.58
N GLY D 119 -20.69 -7.43 -9.14
CA GLY D 119 -21.96 -7.87 -9.70
C GLY D 119 -22.62 -8.90 -8.81
N GLY D 120 -23.71 -9.47 -9.33
CA GLY D 120 -24.48 -10.45 -8.58
C GLY D 120 -25.52 -9.84 -7.68
N ARG D 121 -25.69 -8.52 -7.71
CA ARG D 121 -26.79 -7.83 -7.04
C ARG D 121 -27.07 -6.55 -7.83
N GLN D 122 -28.18 -5.92 -7.48
CA GLN D 122 -28.48 -4.60 -8.05
C GLN D 122 -27.49 -3.56 -7.50
N MET D 123 -26.74 -2.91 -8.40
CA MET D 123 -25.91 -1.79 -7.99
C MET D 123 -26.75 -0.51 -7.99
N HIS D 124 -26.42 0.39 -7.08
CA HIS D 124 -27.23 1.58 -6.84
C HIS D 124 -26.54 2.82 -7.37
N TRP D 125 -27.32 3.91 -7.48
CA TRP D 125 -26.78 5.18 -7.91
C TRP D 125 -27.01 6.20 -6.80
N PRO D 126 -26.05 7.09 -6.52
CA PRO D 126 -24.74 7.26 -7.15
C PRO D 126 -23.80 6.13 -6.77
N PRO D 127 -22.69 6.01 -7.53
CA PRO D 127 -21.72 4.91 -7.30
C PRO D 127 -20.73 5.28 -6.19
N GLY D 128 -21.27 5.42 -4.99
CA GLY D 128 -20.52 5.98 -3.88
C GLY D 128 -20.59 7.48 -3.92
PA B4P E . -4.81 -3.81 4.56
O1A B4P E . -5.73 -4.56 5.52
O2A B4P E . -3.45 -4.51 4.31
O3A B4P E . -4.59 -2.21 5.02
PB B4P E . -4.03 -1.78 6.46
O1B B4P E . -3.70 -2.91 7.38
O2B B4P E . -5.00 -0.83 7.06
O3B B4P E . -2.73 -0.98 5.88
PG B4P E . -1.83 0.00 6.82
O1G B4P E . -1.86 1.39 6.23
O2G B4P E . -2.13 -0.13 8.27
O3G B4P E . -0.45 -0.73 6.40
PD B4P E . 0.90 -0.81 7.33
O1D B4P E . 0.65 -1.62 8.60
O2D B4P E . 1.98 -1.35 6.46
O5E B4P E . -5.63 -3.56 3.13
C5E B4P E . -5.28 -2.52 2.29
C4E B4P E . -5.82 -2.91 0.91
O4E B4P E . -5.09 -3.90 0.41
C3E B4P E . -7.25 -3.43 1.01
O3E B4P E . -7.97 -3.01 -0.05
C2E B4P E . -7.07 -4.97 0.92
O2E B4P E . -8.35 -5.58 0.47
C1E B4P E . -6.05 -5.17 0.12
N9A B4P E . -5.36 -6.35 0.61
C8A B4P E . -4.67 -6.47 1.77
N7A B4P E . -4.22 -7.74 1.88
C5A B4P E . -4.64 -8.38 0.75
C6A B4P E . -4.47 -9.66 0.31
N6A B4P E . -3.77 -10.77 0.95
N1A B4P E . -4.99 -10.03 -0.85
C2A B4P E . -5.69 -9.15 -1.60
N3A B4P E . -5.87 -7.87 -1.19
C4A B4P E . -5.33 -7.51 -0.02
O5F B4P E . 1.18 0.78 7.66
C5F B4P E . 2.18 1.05 8.62
C4F B4P E . 1.65 2.27 9.44
O4F B4P E . 1.51 3.31 8.62
C3F B4P E . 0.29 1.93 10.07
O3F B4P E . 0.31 2.05 11.44
C2F B4P E . -0.65 2.97 9.37
O2F B4P E . -1.76 3.33 10.29
C1F B4P E . 0.14 3.98 9.04
N9B B4P E . -0.32 4.80 7.94
C8B B4P E . -0.83 4.33 6.76
N7B B4P E . -1.15 5.41 6.02
C5B B4P E . -0.85 6.50 6.73
C6B B4P E . -0.99 7.82 6.43
N6B B4P E . -1.54 8.51 5.23
N1B B4P E . -0.61 8.76 7.31
C2B B4P E . -0.07 8.37 8.50
N3B B4P E . 0.06 7.06 8.83
C4B B4P E . -0.32 6.13 7.91
N1 EPE F . -2.73 1.79 2.06
C2 EPE F . -2.21 2.80 3.00
C3 EPE F . -3.29 3.33 3.95
N4 EPE F . -3.99 2.25 4.63
C5 EPE F . -4.43 1.20 3.73
C6 EPE F . -3.32 0.68 2.80
C7 EPE F . -5.01 2.67 5.58
C8 EPE F . -4.49 3.66 6.62
O8 EPE F . -4.78 3.18 7.92
C9 EPE F . -1.63 1.25 1.21
C10 EPE F . -1.00 2.37 0.40
S EPE F . 0.35 1.83 -0.68
O1S EPE F . 0.92 2.98 -1.33
O2S EPE F . -0.14 0.88 -1.66
O3S EPE F . 1.33 1.17 0.19
#